data_2OLU
#
_entry.id   2OLU
#
_cell.length_a   70.495
_cell.length_b   249.891
_cell.length_c   103.164
_cell.angle_alpha   90.00
_cell.angle_beta   90.00
_cell.angle_gamma   90.00
#
_symmetry.space_group_name_H-M   'C 2 2 21'
#
loop_
_entity.id
_entity.type
_entity.pdbx_description
1 polymer 'Penicillin-binding protein 2'
2 non-polymer 1,2-ETHANEDIOL
3 water water
#
_entity_poly.entity_id   1
_entity_poly.type   'polypeptide(L)'
_entity_poly.pdbx_seq_one_letter_code
;(MSE)KAPAFTEAKLQDPIPAKIYDKNGELVKTLDNGQRHEHVNLKDVPKS(MSE)KDAVLATEDNRFYEHGALDYKRLF
GAIGKNLTGGFGSEGASTLTQQVVKDAFLSQHKSIGRKAQEAYLSYRLEQEYSKDDIFQVYLNKIYYSDGVTGIKAAAKY
YFNKDLKDLNLAEEAYLAGLPQVPNNYNIYDHPKAAEDRKNTVLYL(MSE)HYHKRITDKQWEDAKKIDLKANLVNRTPE
ERQNIDTNQDSEYNSYVNFVKSEL(MSE)NNKAFKDENLGNVLQSGIKIYTN(MSE)DKDVQKTLQNDVDNGSFYKNKDQ
QVGATILDSKTGGLVAISGGRDFKDVVNRNQATDPHPTGSSLKPFLAYGPAIEN(MSE)KWATNHAIQDESSYQVDGSTF
RNYDTKSHGTVSIYDALRQSFNIPALKAWQSVKQNAGNDAPKKFAAKLGLNYEGDIGPSEVLGGSASEFSPTQLASAFAA
IANGGTYNNAHSIQKVVTRDGETIEYDHTSHKA(MSE)SDYTAY(MSE)LAE(MSE)LKGTFKPYGSAYGHGVSGVN
(MSE)GAKTGTGTYGAETYSQYNLPDNAAKDVWINGFTPQYT(MSE)SVW(MSE)GFSKVKQYGENSFVGHSQQEYPQFL
YENV(MSE)SKISSRDGEDFKRPSSVSGSIPSINVSGSQDNNTTNRSTHGGSDTSANSSGTAQSNNNTRSQQSRNSGGLT
GIFN
;
_entity_poly.pdbx_strand_id   A
#
loop_
_chem_comp.id
_chem_comp.type
_chem_comp.name
_chem_comp.formula
EDO non-polymer 1,2-ETHANEDIOL 'C2 H6 O2'
#
# COMPACT_ATOMS: atom_id res chain seq x y z
N LYS A 10 -26.26 2.98 17.15
CA LYS A 10 -26.76 4.39 17.19
C LYS A 10 -25.88 5.33 16.35
N LEU A 11 -26.50 6.38 15.79
CA LEU A 11 -25.95 7.13 14.61
C LEU A 11 -24.54 7.71 14.75
N GLN A 12 -23.97 8.07 13.61
CA GLN A 12 -22.60 8.60 13.51
C GLN A 12 -22.62 9.45 12.26
N ASP A 13 -21.72 10.42 12.15
CA ASP A 13 -21.70 11.29 10.96
C ASP A 13 -20.52 10.99 10.03
N PRO A 14 -20.61 9.89 9.22
CA PRO A 14 -19.54 9.57 8.26
C PRO A 14 -18.82 10.77 7.64
N ILE A 15 -17.57 10.90 8.09
CA ILE A 15 -16.51 11.69 7.45
C ILE A 15 -15.41 10.68 7.07
N PRO A 16 -14.76 10.86 5.91
CA PRO A 16 -13.80 9.89 5.44
C PRO A 16 -12.38 10.12 5.97
N ALA A 17 -11.57 9.05 5.95
CA ALA A 17 -10.26 9.03 6.60
C ALA A 17 -9.23 9.77 5.80
N LYS A 18 -8.46 10.63 6.46
CA LYS A 18 -7.45 11.47 5.81
C LYS A 18 -6.05 10.94 6.11
N ILE A 19 -5.17 10.98 5.10
CA ILE A 19 -3.77 10.52 5.23
C ILE A 19 -2.77 11.65 5.00
N TYR A 20 -1.87 11.83 5.95
CA TYR A 20 -0.90 12.88 5.86
C TYR A 20 0.51 12.25 5.69
N ASP A 21 1.42 12.96 5.02
CA ASP A 21 2.80 12.47 4.79
C ASP A 21 3.74 12.80 5.92
N LYS A 22 4.97 12.33 5.81
CA LYS A 22 5.99 12.61 6.82
C LYS A 22 6.08 14.06 7.27
N ASN A 23 5.48 14.99 6.52
CA ASN A 23 5.48 16.42 6.88
C ASN A 23 4.13 16.95 7.33
N GLY A 24 3.17 16.06 7.52
CA GLY A 24 1.81 16.48 7.90
C GLY A 24 1.06 17.26 6.83
N GLU A 25 1.33 16.96 5.56
CA GLU A 25 0.61 17.59 4.48
C GLU A 25 -0.45 16.59 4.03
N LEU A 26 -1.68 17.05 3.84
CA LEU A 26 -2.73 16.17 3.34
C LEU A 26 -2.26 15.55 2.03
N VAL A 27 -2.68 14.32 1.77
CA VAL A 27 -2.22 13.62 0.58
C VAL A 27 -3.36 12.87 -0.09
N LYS A 28 -4.01 11.96 0.66
CA LYS A 28 -5.17 11.21 0.14
C LYS A 28 -6.30 11.13 1.17
N THR A 29 -7.49 11.56 0.74
CA THR A 29 -8.69 11.28 1.51
C THR A 29 -9.38 10.04 0.86
N LEU A 30 -9.75 9.07 1.70
CA LEU A 30 -10.37 7.82 1.29
C LEU A 30 -11.85 7.96 0.92
N ASP A 31 -12.19 8.99 0.15
CA ASP A 31 -13.60 9.22 -0.20
C ASP A 31 -14.13 8.30 -1.32
N ASN A 32 -13.23 7.58 -2.00
CA ASN A 32 -13.46 7.11 -3.39
C ASN A 32 -13.73 8.29 -4.32
N GLY A 33 -14.21 8.05 -5.52
CA GLY A 33 -14.59 9.19 -6.34
C GLY A 33 -15.89 9.84 -5.84
N GLN A 34 -16.47 9.30 -4.77
CA GLN A 34 -17.92 9.43 -4.55
C GLN A 34 -18.40 10.88 -4.56
N ARG A 35 -19.65 11.02 -5.00
CA ARG A 35 -20.31 12.30 -5.07
C ARG A 35 -21.01 12.53 -3.74
N HIS A 36 -20.29 13.15 -2.83
CA HIS A 36 -20.76 13.41 -1.48
C HIS A 36 -19.87 14.50 -0.90
N GLU A 37 -20.45 15.52 -0.33
CA GLU A 37 -19.69 16.59 0.28
C GLU A 37 -20.35 16.85 1.62
N HIS A 38 -19.61 16.79 2.70
CA HIS A 38 -20.20 16.98 4.00
C HIS A 38 -20.59 18.45 4.22
N VAL A 39 -21.77 18.68 4.82
CA VAL A 39 -22.23 20.03 5.14
C VAL A 39 -22.70 20.09 6.61
N ASN A 40 -22.26 21.13 7.33
CA ASN A 40 -22.79 21.42 8.65
C ASN A 40 -24.19 22.02 8.56
N LEU A 41 -25.02 21.79 9.59
CA LEU A 41 -26.40 22.32 9.63
C LEU A 41 -26.47 23.85 9.55
N LYS A 42 -25.57 24.52 10.26
CA LYS A 42 -25.55 25.99 10.24
C LYS A 42 -25.23 26.54 8.84
N ASP A 43 -24.65 25.71 7.97
CA ASP A 43 -24.22 26.14 6.64
C ASP A 43 -25.24 25.88 5.54
N VAL A 44 -26.40 25.30 5.89
CA VAL A 44 -27.46 25.12 4.89
C VAL A 44 -28.44 26.28 5.00
N PRO A 45 -28.81 26.88 3.87
CA PRO A 45 -29.68 28.04 3.92
C PRO A 45 -31.06 27.71 4.44
N LYS A 46 -31.61 28.63 5.24
CA LYS A 46 -32.93 28.43 5.83
C LYS A 46 -33.91 27.86 4.81
N SER A 47 -34.08 28.49 3.65
CA SER A 47 -35.09 28.04 2.70
C SER A 47 -34.93 26.56 2.33
N MSE A 48 -33.70 26.06 2.22
CA MSE A 48 -33.53 24.62 1.88
C MSE A 48 -33.94 23.70 3.03
O MSE A 48 -34.57 22.68 2.79
CB MSE A 48 -32.10 24.34 1.40
CG MSE A 48 -31.81 22.91 0.91
SE MSE A 48 -32.25 22.55 -0.79
CE MSE A 48 -33.50 21.30 -0.50
N LYS A 49 -33.61 24.06 4.26
CA LYS A 49 -34.15 23.36 5.43
C LYS A 49 -35.64 23.47 5.43
N ASP A 50 -36.17 24.67 5.21
CA ASP A 50 -37.61 24.85 5.15
C ASP A 50 -38.23 23.90 4.11
N ALA A 51 -37.60 23.77 2.95
CA ALA A 51 -38.09 22.87 1.91
C ALA A 51 -38.26 21.45 2.43
N VAL A 52 -37.18 20.90 3.00
CA VAL A 52 -37.15 19.52 3.48
C VAL A 52 -38.18 19.23 4.57
N LEU A 53 -38.38 20.17 5.49
CA LEU A 53 -39.41 20.02 6.55
C LEU A 53 -40.80 20.02 5.94
N ALA A 54 -41.13 21.04 5.16
CA ALA A 54 -42.41 21.08 4.46
C ALA A 54 -42.74 19.72 3.85
N THR A 55 -41.72 19.14 3.22
CA THR A 55 -41.88 17.95 2.41
C THR A 55 -42.02 16.69 3.20
N GLU A 56 -41.20 16.56 4.24
CA GLU A 56 -41.03 15.28 4.87
C GLU A 56 -41.59 15.21 6.30
N ASP A 57 -41.47 16.30 7.05
CA ASP A 57 -42.11 16.42 8.39
C ASP A 57 -42.12 17.85 8.88
N ASN A 58 -43.24 18.52 8.76
CA ASN A 58 -43.30 19.94 9.04
C ASN A 58 -43.22 20.28 10.53
N ARG A 59 -43.53 19.34 11.39
CA ARG A 59 -43.44 19.57 12.84
C ARG A 59 -42.27 18.80 13.45
N PHE A 60 -41.29 18.49 12.63
CA PHE A 60 -40.07 17.86 13.11
C PHE A 60 -39.58 18.33 14.50
N TYR A 61 -39.41 19.62 14.71
CA TYR A 61 -38.85 20.11 15.98
C TYR A 61 -39.80 19.93 17.19
N GLU A 62 -41.09 20.13 16.96
CA GLU A 62 -42.11 20.00 18.01
C GLU A 62 -42.27 18.57 18.48
N HIS A 63 -42.38 17.67 17.51
CA HIS A 63 -42.90 16.33 17.72
C HIS A 63 -42.17 15.59 18.82
N GLY A 64 -42.95 14.92 19.64
CA GLY A 64 -42.46 13.89 20.55
C GLY A 64 -43.32 12.64 20.40
N ALA A 65 -42.81 11.51 20.89
CA ALA A 65 -43.44 10.19 20.70
C ALA A 65 -45.00 10.10 20.83
N LEU A 66 -45.58 10.76 21.82
CA LEU A 66 -46.97 10.48 22.21
C LEU A 66 -48.05 11.34 21.55
N ASP A 67 -47.73 11.97 20.43
CA ASP A 67 -48.70 12.78 19.69
C ASP A 67 -49.82 11.92 19.01
N TYR A 68 -49.61 10.60 18.92
CA TYR A 68 -50.71 9.65 18.67
C TYR A 68 -51.49 9.38 19.97
N GLY A 82 -47.44 1.34 9.40
CA GLY A 82 -47.17 0.18 10.24
C GLY A 82 -47.02 0.46 11.73
N PHE A 83 -46.70 -0.59 12.50
CA PHE A 83 -46.51 -0.51 13.96
C PHE A 83 -45.27 0.34 14.27
N GLY A 84 -45.48 1.42 15.01
CA GLY A 84 -44.38 2.29 15.44
C GLY A 84 -44.39 3.61 14.71
N SER A 85 -44.79 3.60 13.44
CA SER A 85 -45.07 4.82 12.64
C SER A 85 -45.03 6.19 13.36
N GLU A 86 -45.88 6.36 14.39
CA GLU A 86 -46.20 7.71 14.94
C GLU A 86 -45.36 8.16 16.15
N GLY A 87 -44.28 7.44 16.46
CA GLY A 87 -43.52 7.61 17.70
C GLY A 87 -42.14 8.18 17.50
N ALA A 88 -41.60 7.98 16.30
CA ALA A 88 -40.51 8.80 15.84
C ALA A 88 -41.11 9.74 14.79
N SER A 89 -40.31 10.67 14.31
CA SER A 89 -40.73 11.54 13.21
C SER A 89 -40.30 10.88 11.90
N THR A 90 -41.07 11.11 10.82
CA THR A 90 -40.74 10.56 9.49
C THR A 90 -39.32 10.90 9.04
N LEU A 91 -38.83 12.06 9.46
CA LEU A 91 -37.47 12.45 9.09
C LEU A 91 -36.45 11.54 9.78
N THR A 92 -36.55 11.37 11.10
CA THR A 92 -35.69 10.42 11.84
C THR A 92 -35.76 9.04 11.22
N GLN A 93 -36.98 8.62 10.90
CA GLN A 93 -37.24 7.28 10.36
C GLN A 93 -36.59 7.04 9.03
N GLN A 94 -36.39 8.10 8.25
CA GLN A 94 -35.72 8.01 6.96
C GLN A 94 -34.22 7.77 7.14
N VAL A 95 -33.62 8.48 8.08
CA VAL A 95 -32.23 8.27 8.46
C VAL A 95 -31.90 6.83 8.91
N VAL A 96 -32.88 6.13 9.48
CA VAL A 96 -32.67 4.78 10.00
C VAL A 96 -32.91 3.70 8.94
N LYS A 97 -33.96 3.87 8.15
CA LYS A 97 -34.27 2.98 7.02
C LYS A 97 -32.98 2.80 6.23
N ASP A 98 -32.46 3.92 5.75
CA ASP A 98 -31.20 3.99 5.01
C ASP A 98 -30.11 3.08 5.63
N ALA A 99 -29.85 3.24 6.94
CA ALA A 99 -28.79 2.47 7.63
C ALA A 99 -29.07 0.97 7.71
N PHE A 100 -30.23 0.53 7.17
CA PHE A 100 -30.61 -0.91 7.10
C PHE A 100 -30.85 -1.46 5.69
N LEU A 101 -30.81 -0.61 4.66
CA LEU A 101 -31.04 -1.04 3.26
C LEU A 101 -29.79 -1.73 2.63
N SER A 106 -35.94 -11.84 6.29
CA SER A 106 -35.14 -11.38 7.47
C SER A 106 -36.04 -10.77 8.57
N ILE A 107 -36.94 -11.63 9.09
CA ILE A 107 -37.81 -11.35 10.28
C ILE A 107 -38.46 -9.92 10.25
N GLY A 108 -38.36 -9.13 11.31
CA GLY A 108 -39.28 -8.01 11.46
C GLY A 108 -38.55 -6.72 11.31
N ARG A 109 -37.97 -6.50 10.15
CA ARG A 109 -36.99 -5.45 10.00
C ARG A 109 -37.61 -4.05 9.87
N LYS A 110 -38.94 -3.90 9.97
CA LYS A 110 -39.57 -2.56 9.96
C LYS A 110 -40.00 -2.15 11.34
N ALA A 111 -40.48 -3.11 12.12
CA ALA A 111 -40.72 -2.87 13.54
C ALA A 111 -39.41 -2.42 14.20
N GLN A 112 -38.32 -3.09 13.85
CA GLN A 112 -37.00 -2.70 14.34
C GLN A 112 -36.67 -1.25 13.98
N GLU A 113 -36.90 -0.86 12.74
CA GLU A 113 -36.62 0.51 12.33
C GLU A 113 -37.42 1.48 13.18
N ALA A 114 -38.65 1.11 13.49
CA ALA A 114 -39.57 2.02 14.18
C ALA A 114 -39.08 2.28 15.60
N TYR A 115 -38.66 1.22 16.29
CA TYR A 115 -38.11 1.31 17.63
C TYR A 115 -36.72 1.91 17.68
N LEU A 116 -35.86 1.53 16.76
CA LEU A 116 -34.55 2.16 16.72
C LEU A 116 -34.71 3.65 16.59
N SER A 117 -35.78 4.10 15.94
CA SER A 117 -36.00 5.54 15.76
C SER A 117 -36.49 6.23 17.03
N TYR A 118 -37.39 5.60 17.77
CA TYR A 118 -37.73 6.11 19.10
C TYR A 118 -36.40 6.31 19.87
N ARG A 119 -35.54 5.30 19.91
CA ARG A 119 -34.27 5.42 20.61
C ARG A 119 -33.45 6.65 20.20
N LEU A 120 -33.26 6.85 18.90
CA LEU A 120 -32.44 7.98 18.46
C LEU A 120 -32.97 9.27 19.05
N GLU A 121 -34.28 9.47 19.03
CA GLU A 121 -34.86 10.73 19.53
C GLU A 121 -34.67 10.87 21.03
N GLN A 122 -34.62 9.74 21.74
CA GLN A 122 -34.33 9.79 23.15
C GLN A 122 -32.91 10.27 23.43
N GLU A 123 -31.96 10.01 22.55
CA GLU A 123 -30.58 10.25 22.91
C GLU A 123 -29.87 11.34 22.08
N TYR A 124 -30.46 11.83 21.01
CA TYR A 124 -29.80 12.89 20.25
C TYR A 124 -30.74 14.04 20.05
N SER A 125 -30.17 15.20 19.75
CA SER A 125 -30.94 16.39 19.45
C SER A 125 -31.46 16.32 18.02
N LYS A 126 -32.43 17.19 17.74
CA LYS A 126 -33.06 17.18 16.44
C LYS A 126 -32.12 17.79 15.39
N ASP A 127 -31.20 18.63 15.84
CA ASP A 127 -30.18 19.11 14.93
C ASP A 127 -29.23 18.01 14.47
N ASP A 128 -28.71 17.23 15.41
CA ASP A 128 -27.85 16.08 15.10
C ASP A 128 -28.46 15.19 14.01
N ILE A 129 -29.75 14.93 14.13
CA ILE A 129 -30.47 14.01 13.26
C ILE A 129 -30.70 14.64 11.88
N PHE A 130 -31.06 15.92 11.89
CA PHE A 130 -31.25 16.69 10.67
C PHE A 130 -29.94 16.76 9.86
N GLN A 131 -28.88 17.11 10.55
CA GLN A 131 -27.55 17.09 9.94
C GLN A 131 -27.26 15.76 9.31
N VAL A 132 -27.48 14.67 10.01
CA VAL A 132 -27.22 13.38 9.41
C VAL A 132 -28.09 13.19 8.17
N TYR A 133 -29.37 13.56 8.23
CA TYR A 133 -30.27 13.35 7.10
C TYR A 133 -29.78 14.11 5.85
N LEU A 134 -29.36 15.35 6.06
CA LEU A 134 -28.82 16.18 4.99
C LEU A 134 -27.47 15.71 4.51
N ASN A 135 -26.91 14.69 5.16
CA ASN A 135 -25.64 14.21 4.71
C ASN A 135 -25.69 12.81 4.13
N LYS A 136 -26.66 11.96 4.48
CA LYS A 136 -26.58 10.59 3.96
C LYS A 136 -27.67 10.17 2.97
N ILE A 137 -28.82 10.83 2.94
CA ILE A 137 -29.88 10.30 2.07
C ILE A 137 -29.51 10.40 0.57
N TYR A 138 -29.96 9.41 -0.21
CA TYR A 138 -29.61 9.26 -1.62
C TYR A 138 -30.43 10.16 -2.55
N TYR A 139 -29.76 10.75 -3.55
CA TYR A 139 -30.40 11.57 -4.58
C TYR A 139 -30.21 11.01 -6.04
N SER A 140 -30.08 9.69 -6.14
CA SER A 140 -29.91 9.06 -7.44
C SER A 140 -28.57 9.39 -8.07
N ASP A 141 -28.19 8.58 -9.05
CA ASP A 141 -26.97 8.81 -9.77
C ASP A 141 -25.76 8.91 -8.81
N GLY A 142 -25.76 8.10 -7.75
CA GLY A 142 -24.58 7.97 -6.90
C GLY A 142 -24.33 9.11 -5.91
N VAL A 143 -25.26 10.06 -5.86
CA VAL A 143 -25.12 11.25 -5.05
C VAL A 143 -25.73 11.01 -3.69
N THR A 144 -24.95 11.21 -2.62
CA THR A 144 -25.52 11.22 -1.25
C THR A 144 -25.35 12.60 -0.62
N GLY A 145 -26.47 13.10 -0.07
CA GLY A 145 -26.50 14.32 0.72
C GLY A 145 -26.72 15.54 -0.13
N ILE A 146 -27.37 16.55 0.45
CA ILE A 146 -27.83 17.75 -0.30
C ILE A 146 -26.71 18.58 -0.98
N LYS A 147 -25.54 18.67 -0.36
CA LYS A 147 -24.45 19.53 -0.88
C LYS A 147 -23.96 18.98 -2.20
N ALA A 148 -23.63 17.68 -2.21
CA ALA A 148 -23.29 17.06 -3.49
C ALA A 148 -24.49 17.17 -4.48
N ALA A 149 -25.72 16.91 -4.02
CA ALA A 149 -26.89 17.05 -4.92
C ALA A 149 -26.82 18.35 -5.72
N ALA A 150 -26.69 19.50 -5.07
CA ALA A 150 -26.72 20.79 -5.79
C ALA A 150 -25.54 21.03 -6.77
N LYS A 151 -24.34 20.63 -6.37
CA LYS A 151 -23.19 20.64 -7.28
C LYS A 151 -23.45 19.74 -8.52
N TYR A 152 -24.03 18.56 -8.33
CA TYR A 152 -24.20 17.62 -9.46
C TYR A 152 -25.26 18.14 -10.43
N TYR A 153 -26.48 18.30 -9.96
CA TYR A 153 -27.58 18.67 -10.83
C TYR A 153 -27.49 20.10 -11.38
N PHE A 154 -27.12 21.09 -10.57
CA PHE A 154 -27.17 22.50 -11.05
C PHE A 154 -25.85 23.30 -11.01
N ASN A 155 -24.76 22.64 -10.62
CA ASN A 155 -23.47 23.29 -10.59
C ASN A 155 -23.50 24.52 -9.71
N LYS A 156 -24.05 24.35 -8.51
CA LYS A 156 -24.30 25.44 -7.58
C LYS A 156 -23.95 25.07 -6.15
N ASP A 157 -23.42 26.05 -5.41
CA ASP A 157 -23.35 26.01 -3.93
C ASP A 157 -24.74 26.22 -3.35
N LEU A 158 -25.00 25.74 -2.14
CA LEU A 158 -26.37 25.81 -1.65
C LEU A 158 -26.86 27.28 -1.60
N LYS A 159 -25.98 28.24 -1.26
CA LYS A 159 -26.37 29.66 -1.17
C LYS A 159 -27.08 30.16 -2.45
N ASP A 160 -26.72 29.59 -3.62
CA ASP A 160 -27.17 30.07 -4.93
C ASP A 160 -28.49 29.42 -5.47
N LEU A 161 -29.03 28.38 -4.82
CA LEU A 161 -30.20 27.70 -5.37
C LEU A 161 -31.41 28.61 -5.33
N ASN A 162 -32.15 28.69 -6.44
CA ASN A 162 -33.48 29.28 -6.44
C ASN A 162 -34.52 28.30 -5.86
N LEU A 163 -35.70 28.81 -5.53
CA LEU A 163 -36.77 28.02 -4.93
C LEU A 163 -37.15 26.76 -5.72
N ALA A 164 -37.26 26.85 -7.05
CA ALA A 164 -37.58 25.67 -7.89
C ALA A 164 -36.51 24.59 -7.74
N GLU A 165 -35.27 25.03 -7.80
CA GLU A 165 -34.14 24.15 -7.59
C GLU A 165 -34.17 23.50 -6.19
N GLU A 166 -34.51 24.28 -5.16
CA GLU A 166 -34.67 23.74 -3.78
C GLU A 166 -35.88 22.81 -3.63
N ALA A 167 -37.02 23.23 -4.15
CA ALA A 167 -38.22 22.42 -4.09
C ALA A 167 -37.92 21.05 -4.69
N TYR A 168 -37.29 21.02 -5.85
CA TYR A 168 -36.98 19.75 -6.51
C TYR A 168 -36.03 18.88 -5.69
N LEU A 169 -35.04 19.49 -5.06
CA LEU A 169 -34.10 18.72 -4.26
C LEU A 169 -34.72 18.19 -2.95
N ALA A 170 -35.61 18.96 -2.36
CA ALA A 170 -36.39 18.44 -1.24
C ALA A 170 -37.25 17.25 -1.68
N GLY A 171 -37.72 17.22 -2.91
CA GLY A 171 -38.68 16.19 -3.34
C GLY A 171 -38.02 14.92 -3.77
N LEU A 172 -36.87 15.09 -4.41
CA LEU A 172 -36.16 14.02 -5.10
C LEU A 172 -36.00 12.73 -4.27
N PRO A 173 -35.54 12.85 -3.03
CA PRO A 173 -35.20 11.64 -2.32
C PRO A 173 -36.32 10.73 -1.79
N GLN A 174 -37.59 11.11 -1.86
CA GLN A 174 -38.63 10.15 -1.47
C GLN A 174 -38.49 8.85 -2.29
N VAL A 175 -38.28 9.00 -3.62
CA VAL A 175 -38.16 7.92 -4.60
C VAL A 175 -37.27 8.44 -5.74
N PRO A 176 -35.95 8.30 -5.59
CA PRO A 176 -35.07 9.12 -6.36
C PRO A 176 -34.82 8.63 -7.76
N ASN A 177 -34.83 7.34 -8.04
CA ASN A 177 -34.62 6.93 -9.44
C ASN A 177 -35.81 7.29 -10.33
N ASN A 178 -36.99 7.34 -9.74
CA ASN A 178 -38.21 7.68 -10.44
C ASN A 178 -38.49 9.17 -10.60
N TYR A 179 -37.76 10.02 -9.86
CA TYR A 179 -37.94 11.49 -9.96
C TYR A 179 -36.73 12.19 -10.56
N ASN A 180 -35.76 11.42 -11.01
CA ASN A 180 -34.53 11.98 -11.52
C ASN A 180 -34.81 12.75 -12.81
N ILE A 181 -34.52 14.07 -12.88
CA ILE A 181 -34.81 14.84 -14.14
C ILE A 181 -34.21 14.28 -15.42
N TYR A 182 -33.05 13.66 -15.33
CA TYR A 182 -32.41 13.15 -16.54
C TYR A 182 -33.28 12.15 -17.27
N ASP A 183 -33.79 11.16 -16.56
CA ASP A 183 -34.67 10.12 -17.12
C ASP A 183 -36.15 10.53 -17.19
N HIS A 184 -36.59 11.33 -16.23
CA HIS A 184 -38.01 11.57 -16.04
C HIS A 184 -38.27 13.08 -15.81
N PRO A 185 -38.24 13.86 -16.90
CA PRO A 185 -38.40 15.32 -16.80
C PRO A 185 -39.77 15.75 -16.29
N LYS A 186 -40.81 15.22 -16.93
CA LYS A 186 -42.17 15.45 -16.45
C LYS A 186 -42.32 15.14 -14.93
N ALA A 187 -41.76 14.02 -14.47
CA ALA A 187 -41.97 13.57 -13.10
C ALA A 187 -41.31 14.56 -12.17
N ALA A 188 -40.11 15.00 -12.51
CA ALA A 188 -39.41 15.99 -11.71
C ALA A 188 -40.19 17.29 -11.65
N GLU A 189 -40.75 17.71 -12.78
CA GLU A 189 -41.53 18.95 -12.84
C GLU A 189 -42.70 18.87 -11.87
N ASP A 190 -43.41 17.76 -11.87
CA ASP A 190 -44.59 17.63 -11.00
C ASP A 190 -44.23 17.47 -9.52
N ARG A 191 -43.13 16.79 -9.21
CA ARG A 191 -42.64 16.74 -7.83
C ARG A 191 -42.23 18.12 -7.30
N LYS A 192 -41.56 18.92 -8.15
CA LYS A 192 -41.22 20.28 -7.81
C LYS A 192 -42.46 21.06 -7.45
N ASN A 193 -43.51 20.90 -8.25
CA ASN A 193 -44.73 21.63 -8.00
C ASN A 193 -45.39 21.24 -6.70
N THR A 194 -45.40 19.94 -6.41
CA THR A 194 -45.90 19.48 -5.13
C THR A 194 -45.13 20.12 -3.99
N VAL A 195 -43.80 20.03 -4.02
CA VAL A 195 -43.04 20.58 -2.91
C VAL A 195 -43.33 22.07 -2.70
N LEU A 196 -43.38 22.83 -3.80
CA LEU A 196 -43.75 24.25 -3.76
C LEU A 196 -45.12 24.45 -3.15
N TYR A 197 -46.02 23.54 -3.47
CA TYR A 197 -47.35 23.60 -2.91
C TYR A 197 -47.28 23.49 -1.37
N LEU A 198 -46.53 22.51 -0.88
CA LEU A 198 -46.47 22.19 0.53
C LEU A 198 -45.81 23.32 1.34
N MSE A 199 -44.73 23.84 0.78
CA MSE A 199 -44.06 25.01 1.33
C MSE A 199 -45.08 26.12 1.50
O MSE A 199 -45.15 26.75 2.55
CB MSE A 199 -42.90 25.45 0.41
CG MSE A 199 -41.63 24.59 0.56
SE MSE A 199 -40.21 25.24 -0.33
CE MSE A 199 -40.62 24.63 -1.93
N HIS A 200 -45.90 26.33 0.49
CA HIS A 200 -46.92 27.35 0.62
C HIS A 200 -47.93 26.99 1.69
N TYR A 201 -48.36 25.73 1.74
CA TYR A 201 -49.43 25.26 2.65
C TYR A 201 -49.03 25.34 4.11
N HIS A 202 -47.81 24.91 4.39
CA HIS A 202 -47.22 25.00 5.74
C HIS A 202 -46.65 26.40 6.09
N LYS A 203 -47.04 27.39 5.30
CA LYS A 203 -46.72 28.80 5.53
C LYS A 203 -45.22 29.06 5.67
N ARG A 204 -44.44 28.44 4.80
CA ARG A 204 -43.02 28.69 4.76
C ARG A 204 -42.60 29.57 3.62
N ILE A 205 -43.57 30.05 2.85
CA ILE A 205 -43.29 30.99 1.77
C ILE A 205 -44.54 31.80 1.48
N THR A 206 -44.35 33.03 0.99
CA THR A 206 -45.46 33.94 0.77
C THR A 206 -46.17 33.56 -0.48
N ASP A 207 -47.39 34.06 -0.62
CA ASP A 207 -48.11 34.01 -1.90
C ASP A 207 -47.24 34.54 -3.06
N LYS A 208 -46.44 35.58 -2.78
CA LYS A 208 -45.57 36.21 -3.79
C LYS A 208 -44.31 35.41 -4.16
N GLN A 209 -43.80 34.59 -3.26
CA GLN A 209 -42.67 33.73 -3.64
C GLN A 209 -43.20 32.52 -4.42
N TRP A 210 -44.28 31.93 -3.90
CA TRP A 210 -44.93 30.78 -4.56
C TRP A 210 -45.23 31.12 -6.00
N GLU A 211 -45.71 32.34 -6.22
CA GLU A 211 -46.20 32.72 -7.50
C GLU A 211 -45.00 32.94 -8.39
N ASP A 212 -43.90 33.44 -7.82
CA ASP A 212 -42.68 33.68 -8.60
C ASP A 212 -41.97 32.39 -8.86
N ALA A 213 -42.03 31.48 -7.89
CA ALA A 213 -41.30 30.21 -7.96
C ALA A 213 -41.84 29.26 -9.05
N LYS A 214 -43.14 29.35 -9.32
CA LYS A 214 -43.80 28.54 -10.34
C LYS A 214 -43.34 28.94 -11.75
N LYS A 215 -43.10 30.23 -11.94
CA LYS A 215 -42.69 30.77 -13.24
C LYS A 215 -41.22 30.46 -13.59
N ILE A 216 -40.44 29.92 -12.64
CA ILE A 216 -39.05 29.51 -12.92
C ILE A 216 -38.95 28.19 -13.67
N ASP A 217 -38.09 28.15 -14.69
CA ASP A 217 -37.77 26.92 -15.42
C ASP A 217 -36.74 26.12 -14.62
N LEU A 218 -37.17 24.97 -14.13
CA LEU A 218 -36.31 24.08 -13.37
C LEU A 218 -35.06 23.70 -14.15
N LYS A 219 -35.20 23.45 -15.45
CA LYS A 219 -34.09 22.96 -16.29
C LYS A 219 -33.03 24.01 -16.66
N ALA A 220 -33.32 25.30 -16.44
CA ALA A 220 -32.38 26.41 -16.80
C ALA A 220 -30.92 26.14 -16.47
N ASN A 221 -30.62 25.64 -15.27
CA ASN A 221 -29.22 25.44 -14.87
C ASN A 221 -28.82 23.95 -14.80
N LEU A 222 -29.70 23.08 -15.31
CA LEU A 222 -29.46 21.65 -15.30
C LEU A 222 -28.18 21.35 -16.05
N VAL A 223 -27.22 20.69 -15.40
CA VAL A 223 -25.93 20.45 -16.03
C VAL A 223 -26.09 19.53 -17.22
N ASN A 224 -25.60 19.98 -18.35
CA ASN A 224 -25.74 19.26 -19.58
C ASN A 224 -24.86 18.00 -19.54
N ARG A 225 -25.48 16.85 -19.69
CA ARG A 225 -24.78 15.61 -19.41
C ARG A 225 -25.31 14.42 -20.23
N THR A 226 -24.40 13.59 -20.72
CA THR A 226 -24.70 12.36 -21.45
C THR A 226 -24.76 11.17 -20.47
N PRO A 227 -25.28 10.02 -20.91
CA PRO A 227 -25.55 8.97 -19.93
C PRO A 227 -24.31 8.24 -19.45
N GLU A 228 -23.27 8.19 -20.25
CA GLU A 228 -22.00 7.64 -19.76
C GLU A 228 -21.39 8.55 -18.67
N GLU A 229 -21.49 9.88 -18.84
CA GLU A 229 -21.00 10.81 -17.81
C GLU A 229 -21.79 10.67 -16.53
N ARG A 230 -23.09 10.41 -16.63
CA ARG A 230 -23.89 10.16 -15.43
C ARG A 230 -23.36 8.96 -14.66
N GLN A 231 -22.81 7.97 -15.34
CA GLN A 231 -22.28 6.79 -14.67
C GLN A 231 -20.79 6.86 -14.36
N ASN A 232 -20.04 7.71 -15.07
CA ASN A 232 -18.58 7.78 -14.90
C ASN A 232 -18.18 8.54 -13.63
N ILE A 233 -17.93 7.78 -12.56
CA ILE A 233 -17.32 8.29 -11.34
C ILE A 233 -15.84 7.94 -11.42
N ASP A 234 -14.97 8.91 -11.15
CA ASP A 234 -13.52 8.67 -11.20
C ASP A 234 -13.04 8.31 -9.81
N THR A 235 -12.92 7.00 -9.61
CA THR A 235 -12.56 6.43 -8.32
C THR A 235 -11.03 6.39 -8.12
N ASN A 236 -10.29 6.54 -9.22
CA ASN A 236 -8.83 6.30 -9.27
C ASN A 236 -8.00 7.56 -9.52
N GLN A 237 -8.41 8.66 -8.92
CA GLN A 237 -7.61 9.87 -8.82
C GLN A 237 -6.39 9.60 -7.96
N ASP A 238 -5.45 10.56 -7.96
CA ASP A 238 -4.18 10.47 -7.20
C ASP A 238 -3.58 9.05 -7.12
N SER A 239 -3.38 8.43 -8.30
CA SER A 239 -3.22 6.97 -8.36
C SER A 239 -1.85 6.52 -7.90
N GLU A 240 -0.93 7.46 -7.87
CA GLU A 240 0.41 7.12 -7.39
C GLU A 240 0.48 6.67 -5.91
N TYR A 241 -0.59 6.89 -5.14
CA TYR A 241 -0.63 6.48 -3.72
C TYR A 241 -1.35 5.16 -3.46
N ASN A 242 -1.96 4.57 -4.49
CA ASN A 242 -2.79 3.37 -4.35
C ASN A 242 -2.12 2.25 -3.57
N SER A 243 -0.84 2.03 -3.84
CA SER A 243 -0.08 0.97 -3.18
C SER A 243 0.19 1.33 -1.72
N TYR A 244 0.67 2.55 -1.49
CA TYR A 244 0.86 3.02 -0.11
C TYR A 244 -0.41 2.83 0.71
N VAL A 245 -1.52 3.43 0.26
CA VAL A 245 -2.83 3.29 0.94
C VAL A 245 -3.15 1.82 1.31
N ASN A 246 -2.93 0.87 0.39
CA ASN A 246 -3.18 -0.58 0.65
C ASN A 246 -2.38 -1.17 1.80
N PHE A 247 -1.13 -0.73 1.91
CA PHE A 247 -0.26 -1.12 3.01
C PHE A 247 -0.86 -0.62 4.31
N VAL A 248 -1.21 0.67 4.31
CA VAL A 248 -1.72 1.31 5.51
C VAL A 248 -2.95 0.57 6.05
N LYS A 249 -3.86 0.13 5.18
CA LYS A 249 -5.10 -0.59 5.62
C LYS A 249 -4.78 -1.88 6.35
N SER A 250 -3.73 -2.56 5.91
CA SER A 250 -3.28 -3.80 6.54
C SER A 250 -2.65 -3.54 7.89
N GLU A 251 -1.81 -2.49 7.98
CA GLU A 251 -1.10 -2.14 9.22
C GLU A 251 -1.98 -1.42 10.25
N LEU A 252 -2.93 -0.63 9.76
CA LEU A 252 -3.83 0.12 10.61
C LEU A 252 -4.41 -0.76 11.68
N MSE A 253 -4.99 -1.87 11.23
CA MSE A 253 -5.81 -2.71 12.09
C MSE A 253 -5.01 -3.61 13.05
O MSE A 253 -5.59 -4.19 13.97
CB MSE A 253 -6.78 -3.52 11.23
CG MSE A 253 -7.70 -2.64 10.37
SE MSE A 253 -9.06 -1.89 11.28
CE MSE A 253 -10.03 -3.37 11.63
N ASN A 254 -3.70 -3.70 12.88
CA ASN A 254 -2.83 -4.53 13.74
C ASN A 254 -2.65 -3.99 15.15
N ASN A 255 -3.01 -2.75 15.38
CA ASN A 255 -2.93 -2.14 16.69
C ASN A 255 -4.02 -2.65 17.64
N LYS A 256 -3.78 -2.55 18.94
CA LYS A 256 -4.76 -2.89 19.98
C LYS A 256 -6.12 -2.22 19.76
N ALA A 257 -6.12 -0.89 19.67
CA ALA A 257 -7.35 -0.13 19.53
C ALA A 257 -8.34 -0.76 18.52
N PHE A 258 -7.85 -1.11 17.33
CA PHE A 258 -8.73 -1.46 16.19
C PHE A 258 -9.01 -2.93 15.90
N LYS A 259 -8.10 -3.84 16.27
CA LYS A 259 -8.28 -5.31 16.02
C LYS A 259 -9.47 -5.93 16.86
N ASP A 260 -10.62 -5.25 16.80
CA ASP A 260 -11.91 -5.81 17.16
C ASP A 260 -12.95 -5.47 16.09
N GLU A 261 -12.55 -4.63 15.12
CA GLU A 261 -13.51 -3.76 14.42
C GLU A 261 -13.59 -3.92 12.89
N ASN A 262 -14.75 -3.50 12.39
CA ASN A 262 -15.12 -3.62 10.99
C ASN A 262 -14.30 -2.63 10.14
N LEU A 263 -13.25 -3.10 9.44
CA LEU A 263 -12.34 -2.19 8.70
C LEU A 263 -13.06 -1.11 7.92
N GLY A 264 -14.11 -1.49 7.20
CA GLY A 264 -14.93 -0.54 6.49
C GLY A 264 -15.45 0.56 7.38
N ASN A 265 -15.87 0.20 8.60
CA ASN A 265 -16.42 1.16 9.56
C ASN A 265 -15.37 2.20 10.03
N VAL A 266 -14.21 1.71 10.49
CA VAL A 266 -13.11 2.56 10.94
C VAL A 266 -12.74 3.66 9.93
N LEU A 267 -12.63 3.28 8.66
CA LEU A 267 -12.27 4.21 7.56
C LEU A 267 -13.34 5.27 7.21
N GLN A 268 -14.43 5.34 7.98
CA GLN A 268 -15.48 6.34 7.76
C GLN A 268 -15.83 7.13 9.02
N SER A 269 -14.84 7.30 9.90
CA SER A 269 -15.05 7.92 11.23
C SER A 269 -13.92 8.89 11.59
N GLY A 270 -13.73 9.91 10.75
CA GLY A 270 -12.89 11.06 11.04
C GLY A 270 -11.40 10.90 11.34
N ILE A 271 -10.85 9.68 11.29
CA ILE A 271 -9.46 9.49 11.72
C ILE A 271 -8.48 10.25 10.84
N LYS A 272 -7.36 10.66 11.42
CA LYS A 272 -6.28 11.25 10.68
C LYS A 272 -5.06 10.38 10.91
N ILE A 273 -4.62 9.69 9.86
CA ILE A 273 -3.38 8.88 9.87
C ILE A 273 -2.19 9.72 9.39
N TYR A 274 -1.09 9.70 10.15
CA TYR A 274 0.12 10.46 9.82
C TYR A 274 1.18 9.45 9.51
N THR A 275 1.81 9.53 8.35
CA THR A 275 2.68 8.44 7.88
C THR A 275 4.15 8.82 7.69
N ASN A 276 4.97 7.83 7.33
CA ASN A 276 6.36 8.04 6.89
C ASN A 276 6.48 8.19 5.37
N MSE A 277 5.38 8.39 4.65
CA MSE A 277 5.48 8.60 3.20
C MSE A 277 6.27 9.87 2.93
O MSE A 277 6.13 10.85 3.64
CB MSE A 277 4.10 8.71 2.52
CG MSE A 277 4.16 9.04 0.98
SE MSE A 277 2.62 8.95 0.01
CE MSE A 277 1.44 9.57 1.15
N ASP A 278 7.11 9.81 1.90
CA ASP A 278 7.69 10.97 1.24
C ASP A 278 6.93 11.13 -0.08
N LYS A 279 6.07 12.13 -0.13
CA LYS A 279 5.21 12.46 -1.27
C LYS A 279 5.97 12.38 -2.61
N ASP A 280 7.11 13.04 -2.69
CA ASP A 280 7.87 13.15 -3.93
C ASP A 280 8.50 11.82 -4.35
N VAL A 281 9.07 11.10 -3.37
CA VAL A 281 9.66 9.79 -3.63
C VAL A 281 8.61 8.77 -4.09
N GLN A 282 7.43 8.79 -3.46
CA GLN A 282 6.33 7.95 -3.94
C GLN A 282 5.92 8.22 -5.41
N LYS A 283 5.78 9.49 -5.82
CA LYS A 283 5.45 9.82 -7.22
C LYS A 283 6.57 9.32 -8.16
N THR A 284 7.83 9.50 -7.77
CA THR A 284 8.93 9.06 -8.61
C THR A 284 8.81 7.57 -8.84
N LEU A 285 8.75 6.83 -7.74
CA LEU A 285 8.66 5.38 -7.83
C LEU A 285 7.59 4.95 -8.83
N GLN A 286 6.34 5.38 -8.59
CA GLN A 286 5.22 4.86 -9.33
C GLN A 286 5.26 5.37 -10.78
N ASN A 287 5.80 6.56 -10.99
CA ASN A 287 5.84 7.08 -12.34
C ASN A 287 6.80 6.25 -13.17
N ASP A 288 7.91 5.86 -12.56
CA ASP A 288 8.83 4.98 -13.25
C ASP A 288 8.31 3.56 -13.39
N VAL A 289 7.51 3.09 -12.45
CA VAL A 289 6.97 1.75 -12.58
C VAL A 289 6.07 1.75 -13.79
N ASP A 290 5.27 2.80 -13.93
CA ASP A 290 4.34 2.90 -15.05
C ASP A 290 5.02 3.25 -16.37
N ASN A 291 5.92 4.21 -16.37
CA ASN A 291 6.45 4.73 -17.65
C ASN A 291 7.77 4.12 -18.14
N GLY A 292 8.38 3.29 -17.32
CA GLY A 292 9.66 2.70 -17.66
C GLY A 292 9.63 1.82 -18.91
N SER A 293 10.82 1.58 -19.45
CA SER A 293 11.05 0.85 -20.70
C SER A 293 11.73 -0.50 -20.45
N PHE A 294 11.47 -1.12 -19.31
CA PHE A 294 12.09 -2.38 -18.99
C PHE A 294 11.08 -3.53 -18.93
N TYR A 295 9.95 -3.38 -19.62
CA TYR A 295 9.01 -4.48 -19.76
C TYR A 295 9.10 -5.13 -21.13
N LYS A 296 9.13 -6.46 -21.08
CA LYS A 296 9.13 -7.34 -22.25
C LYS A 296 7.73 -7.43 -22.83
N ASN A 297 6.74 -7.54 -21.95
CA ASN A 297 5.36 -7.58 -22.39
C ASN A 297 4.35 -7.28 -21.28
N LYS A 298 3.10 -7.12 -21.69
CA LYS A 298 1.95 -6.85 -20.83
C LYS A 298 1.87 -7.71 -19.55
N ASP A 299 2.34 -8.95 -19.60
CA ASP A 299 2.27 -9.86 -18.43
C ASP A 299 3.43 -9.75 -17.44
N GLN A 300 4.45 -8.94 -17.74
CA GLN A 300 5.53 -8.75 -16.76
C GLN A 300 5.01 -7.96 -15.56
N GLN A 301 5.31 -8.43 -14.36
CA GLN A 301 4.87 -7.78 -13.11
C GLN A 301 6.09 -7.27 -12.34
N VAL A 302 5.86 -6.32 -11.44
CA VAL A 302 6.92 -5.75 -10.62
C VAL A 302 6.43 -5.41 -9.22
N GLY A 303 7.34 -5.44 -8.24
CA GLY A 303 7.02 -4.97 -6.89
C GLY A 303 8.21 -4.31 -6.25
N ALA A 304 8.02 -3.10 -5.70
CA ALA A 304 9.12 -2.38 -5.07
C ALA A 304 8.73 -1.74 -3.77
N THR A 305 9.68 -1.77 -2.84
CA THR A 305 9.56 -1.15 -1.52
C THR A 305 10.85 -0.35 -1.26
N ILE A 306 10.70 0.93 -0.87
CA ILE A 306 11.80 1.77 -0.41
C ILE A 306 11.64 2.16 1.07
N LEU A 307 12.60 1.73 1.91
CA LEU A 307 12.66 2.10 3.34
C LEU A 307 13.75 3.09 3.69
N ASP A 308 13.54 3.76 4.81
CA ASP A 308 14.54 4.63 5.43
C ASP A 308 15.50 3.69 6.14
N SER A 309 16.73 3.64 5.69
CA SER A 309 17.63 2.63 6.16
C SER A 309 17.79 2.67 7.64
N LYS A 310 18.02 3.86 8.17
CA LYS A 310 18.32 4.06 9.59
C LYS A 310 17.16 3.74 10.54
N THR A 311 15.92 4.01 10.14
CA THR A 311 14.75 3.79 11.03
C THR A 311 13.79 2.66 10.63
N GLY A 312 13.69 2.34 9.34
CA GLY A 312 12.83 1.24 8.88
C GLY A 312 11.47 1.71 8.38
N GLY A 313 11.31 3.01 8.23
CA GLY A 313 10.03 3.56 7.85
C GLY A 313 9.80 3.45 6.37
N LEU A 314 8.56 3.15 5.99
CA LEU A 314 8.14 3.05 4.59
C LEU A 314 8.02 4.43 3.96
N VAL A 315 9.00 4.78 3.11
CA VAL A 315 8.95 6.08 2.42
C VAL A 315 8.13 5.95 1.14
N ALA A 316 8.30 4.87 0.37
CA ALA A 316 7.48 4.59 -0.82
C ALA A 316 7.37 3.09 -1.06
N ILE A 317 6.20 2.70 -1.60
CA ILE A 317 5.94 1.31 -2.02
C ILE A 317 5.15 1.30 -3.35
N SER A 318 5.40 0.30 -4.20
CA SER A 318 4.62 0.15 -5.44
C SER A 318 4.25 -1.31 -5.65
N GLY A 319 2.97 -1.56 -5.92
CA GLY A 319 2.43 -2.91 -5.99
C GLY A 319 2.43 -3.50 -7.38
N GLY A 320 2.83 -2.71 -8.39
CA GLY A 320 2.88 -3.15 -9.79
C GLY A 320 2.48 -2.07 -10.80
N ARG A 321 2.51 -2.43 -12.08
CA ARG A 321 2.06 -1.53 -13.12
C ARG A 321 0.59 -1.18 -12.86
N ASP A 322 0.30 0.13 -12.81
CA ASP A 322 -1.07 0.62 -12.77
C ASP A 322 -1.86 0.07 -11.58
N PHE A 323 -1.23 -0.03 -10.43
CA PHE A 323 -1.82 -0.73 -9.30
C PHE A 323 -3.09 -0.06 -8.85
N LYS A 324 -4.18 -0.82 -8.80
CA LYS A 324 -5.41 -0.39 -8.14
C LYS A 324 -5.56 -1.27 -6.90
N ASP A 325 -6.32 -0.80 -5.92
CA ASP A 325 -6.28 -1.42 -4.61
C ASP A 325 -6.88 -2.80 -4.61
N VAL A 326 -8.18 -2.95 -4.55
CA VAL A 326 -8.66 -4.32 -4.31
C VAL A 326 -8.57 -5.18 -5.57
N VAL A 327 -8.47 -4.58 -6.76
CA VAL A 327 -8.46 -5.39 -7.99
C VAL A 327 -7.15 -6.16 -8.17
N ASN A 328 -6.05 -5.57 -7.72
CA ASN A 328 -4.74 -6.18 -7.87
C ASN A 328 -4.09 -6.62 -6.59
N ARG A 329 -3.19 -7.56 -6.75
CA ARG A 329 -2.49 -8.14 -5.65
C ARG A 329 -1.26 -7.26 -5.47
N ASN A 330 -1.02 -6.80 -4.23
CA ASN A 330 0.13 -5.91 -3.94
C ASN A 330 1.35 -6.77 -3.86
N GLN A 331 2.17 -6.61 -4.88
CA GLN A 331 3.17 -7.57 -5.22
C GLN A 331 4.52 -7.25 -4.53
N ALA A 332 4.47 -6.31 -3.61
CA ALA A 332 5.57 -5.91 -2.80
C ALA A 332 5.36 -6.39 -1.36
N THR A 333 4.11 -6.71 -1.02
CA THR A 333 3.82 -7.39 0.23
C THR A 333 3.59 -8.91 0.02
N ASP A 334 3.47 -9.38 -1.22
CA ASP A 334 3.37 -10.83 -1.45
C ASP A 334 4.74 -11.53 -1.50
N PRO A 335 4.80 -12.77 -1.04
CA PRO A 335 6.05 -13.54 -1.12
C PRO A 335 6.39 -14.07 -2.51
N HIS A 336 7.68 -14.13 -2.82
CA HIS A 336 8.22 -14.67 -4.07
C HIS A 336 9.51 -15.45 -3.84
N PRO A 337 9.83 -16.39 -4.73
CA PRO A 337 11.11 -17.06 -4.61
C PRO A 337 12.18 -16.00 -4.68
N THR A 338 13.26 -16.19 -3.93
CA THR A 338 14.24 -15.11 -3.69
C THR A 338 15.52 -15.21 -4.52
N GLY A 339 15.78 -16.39 -5.08
CA GLY A 339 17.02 -16.66 -5.80
C GLY A 339 18.21 -16.41 -4.89
N SER A 340 19.29 -15.92 -5.46
CA SER A 340 20.52 -15.72 -4.71
C SER A 340 20.47 -14.52 -3.68
N SER A 341 19.33 -13.84 -3.55
CA SER A 341 19.17 -12.72 -2.61
C SER A 341 19.51 -13.00 -1.14
N LEU A 342 19.42 -14.26 -0.71
CA LEU A 342 19.61 -14.58 0.72
C LEU A 342 21.01 -15.12 1.05
N LYS A 343 21.89 -15.15 0.06
CA LYS A 343 23.25 -15.65 0.27
C LYS A 343 24.00 -14.89 1.38
N PRO A 344 23.72 -13.59 1.54
CA PRO A 344 24.33 -12.93 2.69
C PRO A 344 23.79 -13.41 4.05
N PHE A 345 22.55 -13.88 4.07
CA PHE A 345 21.88 -14.12 5.34
C PHE A 345 21.96 -15.56 5.78
N LEU A 346 21.91 -16.49 4.85
CA LEU A 346 21.98 -17.90 5.26
C LEU A 346 23.36 -18.54 5.08
N ALA A 347 24.32 -17.85 4.49
CA ALA A 347 25.69 -18.41 4.30
C ALA A 347 26.77 -17.47 4.83
N TYR A 348 27.06 -16.39 4.13
CA TYR A 348 28.23 -15.58 4.43
C TYR A 348 28.11 -14.75 5.72
N GLY A 349 26.93 -14.23 6.00
CA GLY A 349 26.75 -13.41 7.19
C GLY A 349 27.04 -14.19 8.44
N PRO A 350 26.37 -15.33 8.62
CA PRO A 350 26.59 -16.13 9.80
C PRO A 350 28.05 -16.55 9.97
N ALA A 351 28.73 -16.88 8.87
CA ALA A 351 30.18 -17.19 8.97
C ALA A 351 30.96 -16.03 9.60
N ILE A 352 30.69 -14.80 9.16
CA ILE A 352 31.42 -13.66 9.68
C ILE A 352 31.04 -13.41 11.15
N GLU A 353 29.76 -13.54 11.45
CA GLU A 353 29.24 -13.27 12.81
C GLU A 353 29.83 -14.20 13.85
N ASN A 354 29.94 -15.48 13.50
CA ASN A 354 30.22 -16.53 14.45
C ASN A 354 31.64 -16.97 14.39
N MSE A 355 32.08 -17.48 13.24
CA MSE A 355 33.47 -17.94 13.10
C MSE A 355 34.45 -16.77 12.81
O MSE A 355 35.66 -16.96 12.87
CB MSE A 355 33.63 -19.15 12.12
CG MSE A 355 32.67 -19.27 10.92
SE MSE A 355 31.31 -20.45 11.02
CE MSE A 355 31.04 -20.39 12.81
N LYS A 356 33.94 -15.57 12.56
CA LYS A 356 34.75 -14.35 12.40
C LYS A 356 35.74 -14.38 11.24
N TRP A 357 35.28 -14.83 10.09
CA TRP A 357 36.06 -14.83 8.85
C TRP A 357 36.29 -13.42 8.29
N ALA A 358 37.49 -13.20 7.74
CA ALA A 358 37.76 -12.03 6.90
C ALA A 358 37.03 -12.10 5.53
N THR A 359 36.84 -10.95 4.88
CA THR A 359 36.36 -10.88 3.50
C THR A 359 37.33 -11.57 2.52
N ASN A 360 38.60 -11.61 2.91
CA ASN A 360 39.66 -12.38 2.28
C ASN A 360 39.41 -13.91 2.22
N HIS A 361 38.48 -14.41 3.02
CA HIS A 361 38.43 -15.84 3.33
C HIS A 361 38.24 -16.68 2.10
N ALA A 362 39.06 -17.73 1.97
CA ALA A 362 39.06 -18.64 0.80
C ALA A 362 38.10 -19.82 0.89
N ILE A 363 37.31 -20.00 -0.16
CA ILE A 363 36.51 -21.20 -0.36
C ILE A 363 36.83 -21.81 -1.73
N GLN A 364 37.00 -23.13 -1.74
CA GLN A 364 37.27 -23.87 -2.96
C GLN A 364 35.98 -24.04 -3.76
N ASP A 365 36.00 -23.63 -5.03
CA ASP A 365 34.85 -23.81 -5.95
C ASP A 365 34.94 -25.15 -6.71
N GLU A 366 33.80 -25.73 -7.07
CA GLU A 366 33.80 -26.95 -7.88
C GLU A 366 32.91 -26.77 -9.12
N SER A 367 33.00 -27.67 -10.09
CA SER A 367 32.08 -27.59 -11.24
C SER A 367 30.79 -28.36 -10.98
N SER A 368 30.82 -29.26 -9.99
CA SER A 368 29.62 -29.94 -9.46
C SER A 368 29.82 -30.17 -7.97
N TYR A 369 28.78 -29.97 -7.17
CA TYR A 369 28.85 -30.30 -5.73
C TYR A 369 27.62 -31.06 -5.22
N GLN A 370 27.86 -32.09 -4.40
CA GLN A 370 26.80 -32.93 -3.83
C GLN A 370 26.41 -32.51 -2.38
N VAL A 371 25.14 -32.18 -2.15
CA VAL A 371 24.65 -31.93 -0.80
C VAL A 371 23.40 -32.71 -0.51
N ASP A 372 23.40 -33.40 0.62
CA ASP A 372 22.35 -34.34 0.96
C ASP A 372 22.26 -35.39 -0.18
N GLY A 373 21.26 -35.32 -1.05
CA GLY A 373 21.14 -36.31 -2.10
C GLY A 373 20.98 -35.67 -3.45
N SER A 374 21.75 -34.62 -3.73
CA SER A 374 21.53 -33.83 -4.93
C SER A 374 22.76 -33.16 -5.48
N THR A 375 22.76 -32.98 -6.81
CA THR A 375 23.84 -32.29 -7.52
C THR A 375 23.49 -30.80 -7.63
N PHE A 376 24.48 -29.95 -7.37
CA PHE A 376 24.35 -28.53 -7.64
C PHE A 376 25.47 -28.05 -8.52
N ARG A 377 25.19 -26.98 -9.25
CA ARG A 377 26.14 -26.41 -10.18
C ARG A 377 26.09 -24.90 -10.07
N ASN A 378 27.16 -24.23 -10.47
CA ASN A 378 27.13 -22.79 -10.60
C ASN A 378 26.24 -22.45 -11.79
N TYR A 379 25.74 -21.21 -11.83
CA TYR A 379 24.90 -20.76 -12.95
C TYR A 379 25.59 -21.03 -14.27
N ASP A 380 26.83 -20.57 -14.39
CA ASP A 380 27.63 -20.79 -15.59
C ASP A 380 28.20 -22.22 -15.78
N THR A 381 27.97 -23.12 -14.82
CA THR A 381 28.41 -24.52 -14.94
C THR A 381 29.94 -24.75 -14.79
N LYS A 382 30.72 -23.68 -14.64
CA LYS A 382 32.18 -23.77 -14.53
C LYS A 382 32.65 -23.73 -13.08
N SER A 383 33.90 -24.12 -12.86
CA SER A 383 34.57 -23.86 -11.59
C SER A 383 35.45 -22.61 -11.75
N HIS A 384 35.55 -21.79 -10.72
CA HIS A 384 36.37 -20.58 -10.80
C HIS A 384 37.62 -20.59 -9.89
N GLY A 385 38.08 -21.79 -9.50
CA GLY A 385 39.22 -21.97 -8.62
C GLY A 385 38.89 -21.73 -7.14
N THR A 386 39.93 -21.45 -6.33
CA THR A 386 39.72 -20.98 -4.96
C THR A 386 39.40 -19.49 -4.98
N VAL A 387 38.25 -19.11 -4.44
CA VAL A 387 37.80 -17.74 -4.55
C VAL A 387 37.61 -17.14 -3.18
N SER A 388 37.82 -15.82 -3.09
CA SER A 388 37.48 -15.12 -1.86
C SER A 388 35.95 -15.04 -1.72
N ILE A 389 35.45 -14.92 -0.48
CA ILE A 389 34.02 -14.77 -0.28
C ILE A 389 33.60 -13.38 -0.81
N TYR A 390 34.56 -12.47 -0.90
CA TYR A 390 34.32 -11.20 -1.56
C TYR A 390 33.88 -11.48 -3.01
N ASP A 391 34.75 -12.11 -3.79
CA ASP A 391 34.43 -12.35 -5.19
C ASP A 391 33.16 -13.26 -5.28
N ALA A 392 33.02 -14.25 -4.39
CA ALA A 392 31.95 -15.23 -4.48
C ALA A 392 30.57 -14.68 -4.10
N LEU A 393 30.55 -13.65 -3.25
CA LEU A 393 29.28 -12.95 -2.92
C LEU A 393 28.95 -11.98 -4.01
N ARG A 394 29.88 -11.12 -4.38
CA ARG A 394 29.58 -10.00 -5.30
C ARG A 394 29.28 -10.45 -6.72
N GLN A 395 29.85 -11.56 -7.17
CA GLN A 395 29.43 -12.11 -8.46
C GLN A 395 28.65 -13.40 -8.30
N SER A 396 28.12 -13.60 -7.11
CA SER A 396 27.02 -14.49 -6.83
C SER A 396 27.26 -15.90 -7.34
N PHE A 397 27.98 -16.71 -6.57
CA PHE A 397 28.23 -18.06 -6.96
C PHE A 397 27.40 -18.98 -6.08
N ASN A 398 26.86 -20.05 -6.67
CA ASN A 398 26.07 -20.99 -5.91
C ASN A 398 26.96 -21.85 -5.06
N ILE A 399 27.90 -22.55 -5.66
CA ILE A 399 28.59 -23.62 -4.92
C ILE A 399 29.35 -23.16 -3.67
N PRO A 400 30.09 -22.05 -3.74
CA PRO A 400 30.80 -21.62 -2.54
C PRO A 400 29.86 -21.15 -1.43
N ALA A 401 28.70 -20.64 -1.82
CA ALA A 401 27.66 -20.24 -0.87
C ALA A 401 27.17 -21.46 -0.09
N LEU A 402 26.97 -22.57 -0.77
CA LEU A 402 26.60 -23.81 -0.09
C LEU A 402 27.70 -24.23 0.85
N LYS A 403 28.96 -24.07 0.45
CA LYS A 403 30.05 -24.46 1.34
C LYS A 403 30.09 -23.58 2.58
N ALA A 404 29.98 -22.27 2.40
CA ALA A 404 29.96 -21.35 3.55
C ALA A 404 28.87 -21.73 4.57
N TRP A 405 27.64 -21.97 4.09
CA TRP A 405 26.53 -22.48 4.90
C TRP A 405 26.95 -23.75 5.62
N GLN A 406 27.38 -24.75 4.87
CA GLN A 406 27.78 -26.02 5.49
C GLN A 406 28.80 -25.82 6.59
N SER A 407 29.75 -24.92 6.38
CA SER A 407 30.79 -24.69 7.36
C SER A 407 30.20 -24.09 8.64
N VAL A 408 29.15 -23.26 8.48
CA VAL A 408 28.48 -22.61 9.60
C VAL A 408 27.82 -23.63 10.50
N LYS A 409 27.09 -24.56 9.89
CA LYS A 409 26.42 -25.64 10.61
C LYS A 409 27.40 -26.53 11.39
N GLN A 410 28.62 -26.65 10.88
CA GLN A 410 29.67 -27.48 11.45
C GLN A 410 30.39 -26.77 12.64
N ASN A 411 30.28 -25.44 12.69
CA ASN A 411 31.03 -24.62 13.66
C ASN A 411 30.18 -23.74 14.58
N ALA A 412 28.93 -23.44 14.21
CA ALA A 412 28.04 -22.60 15.05
C ALA A 412 26.78 -23.34 15.51
N GLY A 413 26.57 -24.57 15.03
CA GLY A 413 25.32 -25.31 15.25
C GLY A 413 24.43 -25.39 14.03
N ASN A 414 23.63 -26.45 13.94
CA ASN A 414 22.72 -26.66 12.81
C ASN A 414 21.55 -25.69 12.76
N ASP A 415 21.30 -24.98 13.85
CA ASP A 415 20.32 -23.91 13.81
C ASP A 415 20.95 -22.48 13.70
N ALA A 416 22.26 -22.39 13.44
CA ALA A 416 22.91 -21.07 13.40
C ALA A 416 22.45 -20.19 12.22
N PRO A 417 22.18 -20.79 11.05
CA PRO A 417 21.58 -20.01 9.96
C PRO A 417 20.13 -19.59 10.26
N LYS A 418 19.32 -20.50 10.79
CA LYS A 418 17.94 -20.21 11.17
C LYS A 418 17.89 -18.97 12.07
N LYS A 419 18.77 -18.96 13.07
CA LYS A 419 18.71 -17.98 14.14
C LYS A 419 18.98 -16.60 13.58
N PHE A 420 19.99 -16.53 12.73
CA PHE A 420 20.45 -15.30 12.12
C PHE A 420 19.36 -14.71 11.21
N ALA A 421 18.73 -15.56 10.38
CA ALA A 421 17.60 -15.14 9.56
C ALA A 421 16.43 -14.64 10.42
N ALA A 422 16.13 -15.39 11.50
CA ALA A 422 15.04 -15.06 12.42
C ALA A 422 15.14 -13.63 12.92
N LYS A 423 16.33 -13.23 13.33
CA LYS A 423 16.50 -11.89 13.88
C LYS A 423 16.31 -10.83 12.75
N LEU A 424 16.46 -11.25 11.50
CA LEU A 424 16.18 -10.37 10.36
C LEU A 424 14.77 -10.51 9.77
N GLY A 425 13.83 -11.12 10.48
CA GLY A 425 12.44 -11.21 10.03
C GLY A 425 12.13 -12.30 9.00
N LEU A 426 13.16 -13.03 8.58
CA LEU A 426 13.05 -14.16 7.64
C LEU A 426 12.90 -15.53 8.36
N ASN A 427 11.68 -16.07 8.38
CA ASN A 427 11.41 -17.29 9.16
C ASN A 427 11.15 -18.49 8.27
N TYR A 428 11.40 -19.67 8.82
CA TYR A 428 11.12 -20.93 8.14
C TYR A 428 10.48 -21.87 9.13
N GLU A 429 9.52 -22.66 8.68
CA GLU A 429 8.80 -23.57 9.57
C GLU A 429 9.49 -24.92 9.66
N GLY A 430 10.06 -25.38 8.55
CA GLY A 430 10.81 -26.63 8.50
C GLY A 430 12.30 -26.42 8.39
N ASP A 431 13.02 -27.51 8.13
CA ASP A 431 14.49 -27.52 8.02
C ASP A 431 14.98 -26.73 6.82
N ILE A 432 15.91 -25.81 7.06
CA ILE A 432 16.51 -25.02 5.97
C ILE A 432 17.51 -25.90 5.23
N GLY A 433 17.16 -26.32 4.01
CA GLY A 433 18.02 -27.16 3.19
C GLY A 433 18.84 -26.38 2.18
N PRO A 434 19.59 -27.11 1.34
CA PRO A 434 20.46 -26.44 0.38
C PRO A 434 19.65 -25.61 -0.57
N SER A 435 18.50 -26.13 -0.99
CA SER A 435 17.64 -25.41 -1.92
C SER A 435 17.25 -24.01 -1.42
N GLU A 436 16.74 -23.93 -0.18
CA GLU A 436 16.37 -22.61 0.36
C GLU A 436 17.56 -21.66 0.53
N VAL A 437 18.77 -22.18 0.66
CA VAL A 437 19.98 -21.32 0.64
C VAL A 437 20.16 -20.62 -0.72
N LEU A 438 19.84 -21.31 -1.82
CA LEU A 438 19.96 -20.71 -3.15
C LEU A 438 18.65 -20.07 -3.55
N GLY A 439 17.68 -20.01 -2.65
CA GLY A 439 16.48 -19.22 -2.89
C GLY A 439 15.34 -19.93 -3.59
N GLY A 440 15.29 -21.25 -3.40
CA GLY A 440 14.21 -22.10 -3.90
C GLY A 440 13.42 -22.68 -2.73
N SER A 441 12.47 -23.57 -3.04
CA SER A 441 11.65 -24.15 -2.00
C SER A 441 11.06 -23.07 -1.09
N ALA A 442 11.19 -23.24 0.23
CA ALA A 442 10.54 -22.38 1.21
C ALA A 442 11.18 -20.99 1.39
N SER A 443 12.08 -20.60 0.49
CA SER A 443 12.68 -19.25 0.52
C SER A 443 11.88 -18.30 -0.36
N GLU A 444 10.65 -18.04 0.10
CA GLU A 444 9.72 -17.15 -0.55
C GLU A 444 9.40 -16.00 0.40
N PHE A 445 9.83 -14.80 0.03
CA PHE A 445 9.57 -13.60 0.86
C PHE A 445 9.24 -12.39 0.01
N SER A 446 8.73 -11.34 0.65
CA SER A 446 8.27 -10.16 -0.07
C SER A 446 9.36 -9.12 -0.18
N PRO A 447 9.26 -8.25 -1.19
CA PRO A 447 10.17 -7.13 -1.19
C PRO A 447 10.23 -6.38 0.14
N THR A 448 9.09 -6.14 0.76
CA THR A 448 9.11 -5.43 2.05
C THR A 448 9.94 -6.17 3.11
N GLN A 449 9.66 -7.45 3.29
CA GLN A 449 10.50 -8.29 4.13
C GLN A 449 12.01 -8.23 3.77
N LEU A 450 12.36 -8.37 2.49
CA LEU A 450 13.77 -8.34 2.11
C LEU A 450 14.40 -6.98 2.33
N ALA A 451 13.65 -5.91 2.03
CA ALA A 451 14.15 -4.54 2.27
C ALA A 451 14.53 -4.35 3.75
N SER A 452 13.72 -4.91 4.66
CA SER A 452 13.95 -4.75 6.09
C SER A 452 15.20 -5.47 6.48
N ALA A 453 15.37 -6.67 5.94
CA ALA A 453 16.58 -7.45 6.18
C ALA A 453 17.88 -6.77 5.72
N PHE A 454 17.87 -6.23 4.50
CA PHE A 454 19.00 -5.49 3.98
C PHE A 454 19.26 -4.16 4.69
N ALA A 455 18.23 -3.51 5.25
CA ALA A 455 18.42 -2.25 5.96
C ALA A 455 19.26 -2.43 7.23
N ALA A 456 19.21 -3.64 7.78
CA ALA A 456 20.00 -3.98 8.95
C ALA A 456 21.50 -3.99 8.64
N ILE A 457 21.89 -4.37 7.42
CA ILE A 457 23.28 -4.17 6.99
C ILE A 457 23.58 -2.68 6.92
N ALA A 458 22.63 -1.93 6.35
CA ALA A 458 22.82 -0.52 6.04
C ALA A 458 22.85 0.41 7.26
N ASN A 459 22.56 -0.07 8.47
CA ASN A 459 22.54 0.82 9.63
C ASN A 459 23.29 0.31 10.85
N GLY A 460 24.40 -0.40 10.62
CA GLY A 460 25.23 -0.90 11.70
C GLY A 460 24.65 -2.09 12.42
N GLY A 461 23.61 -2.68 11.84
CA GLY A 461 23.15 -4.02 12.25
C GLY A 461 21.92 -4.14 13.11
N THR A 462 21.04 -3.13 13.11
CA THR A 462 19.77 -3.24 13.84
C THR A 462 18.58 -3.39 12.88
N TYR A 463 17.59 -4.20 13.28
CA TYR A 463 16.44 -4.60 12.45
C TYR A 463 15.18 -3.84 12.80
N ASN A 464 14.51 -3.29 11.80
CA ASN A 464 13.22 -2.68 12.02
C ASN A 464 12.15 -3.23 11.07
N ASN A 465 11.19 -3.96 11.60
CA ASN A 465 10.01 -4.31 10.83
C ASN A 465 9.54 -3.08 10.01
N ALA A 466 9.23 -3.28 8.73
CA ALA A 466 8.74 -2.17 7.89
C ALA A 466 7.44 -1.58 8.43
N HIS A 467 7.38 -0.25 8.63
CA HIS A 467 6.21 0.38 9.23
C HIS A 467 5.89 1.73 8.58
N SER A 468 4.63 1.93 8.21
CA SER A 468 4.16 3.18 7.61
C SER A 468 3.62 4.21 8.61
N ILE A 469 2.94 3.75 9.67
CA ILE A 469 2.20 4.66 10.56
C ILE A 469 3.02 5.13 11.77
N GLN A 470 3.05 6.45 11.96
CA GLN A 470 3.59 7.08 13.15
C GLN A 470 2.52 7.09 14.27
N LYS A 471 1.41 7.76 13.96
CA LYS A 471 0.31 7.98 14.90
C LYS A 471 -1.03 8.12 14.18
N VAL A 472 -2.11 7.88 14.91
CA VAL A 472 -3.47 8.11 14.41
C VAL A 472 -4.11 9.10 15.36
N VAL A 473 -5.00 9.95 14.86
CA VAL A 473 -5.73 10.90 15.71
C VAL A 473 -7.21 10.67 15.50
N THR A 474 -7.90 10.22 16.53
CA THR A 474 -9.31 9.89 16.43
C THR A 474 -10.15 11.14 16.18
N ARG A 475 -11.41 10.90 15.81
CA ARG A 475 -12.43 11.95 15.64
C ARG A 475 -12.26 13.08 16.64
N ASP A 476 -11.98 12.71 17.89
CA ASP A 476 -12.00 13.67 19.01
C ASP A 476 -10.69 13.74 19.82
N GLY A 477 -9.56 13.87 19.12
CA GLY A 477 -8.29 14.22 19.76
C GLY A 477 -7.45 13.07 20.28
N GLU A 478 -8.10 12.05 20.86
CA GLU A 478 -7.42 10.91 21.48
C GLU A 478 -6.37 10.28 20.56
N THR A 479 -5.13 10.76 20.68
CA THR A 479 -4.04 10.35 19.80
C THR A 479 -3.50 8.93 20.09
N ILE A 480 -3.89 7.93 19.28
CA ILE A 480 -3.42 6.54 19.45
C ILE A 480 -2.07 6.31 18.74
N GLU A 481 -1.20 5.59 19.46
CA GLU A 481 0.24 5.52 19.18
C GLU A 481 0.66 4.18 18.59
N TYR A 482 1.64 4.21 17.67
CA TYR A 482 2.13 2.99 17.04
C TYR A 482 3.62 2.79 17.26
N ASP A 483 4.08 1.59 16.94
CA ASP A 483 5.38 1.05 17.38
C ASP A 483 5.77 -0.12 16.47
N HIS A 484 7.05 -0.51 16.43
CA HIS A 484 7.47 -1.56 15.49
C HIS A 484 8.51 -2.47 16.10
N THR A 485 8.44 -3.78 15.80
CA THR A 485 9.43 -4.75 16.25
C THR A 485 10.81 -4.19 15.92
N SER A 486 11.65 -3.99 16.93
CA SER A 486 12.97 -3.38 16.72
C SER A 486 14.04 -3.85 17.70
N HIS A 487 15.03 -4.56 17.18
CA HIS A 487 16.07 -5.15 17.99
C HIS A 487 17.39 -5.29 17.21
N LYS A 488 18.46 -5.66 17.94
CA LYS A 488 19.78 -5.90 17.36
C LYS A 488 19.71 -7.15 16.52
N ALA A 489 20.22 -7.09 15.29
CA ALA A 489 20.17 -8.24 14.36
C ALA A 489 21.54 -8.98 14.30
N MSE A 490 22.60 -8.19 14.10
CA MSE A 490 23.97 -8.69 13.96
C MSE A 490 24.94 -7.77 14.69
O MSE A 490 24.55 -6.71 15.18
CB MSE A 490 24.37 -8.79 12.47
CG MSE A 490 24.26 -7.50 11.67
SE MSE A 490 24.04 -7.78 9.91
CE MSE A 490 25.69 -7.78 9.31
N SER A 491 26.20 -8.17 14.77
CA SER A 491 27.20 -7.34 15.42
C SER A 491 27.64 -6.24 14.45
N ASP A 492 28.25 -5.20 15.00
CA ASP A 492 28.67 -4.05 14.20
C ASP A 492 29.67 -4.41 13.09
N TYR A 493 30.59 -5.33 13.37
CA TYR A 493 31.56 -5.80 12.36
C TYR A 493 30.89 -6.60 11.22
N THR A 494 29.89 -7.41 11.54
CA THR A 494 29.21 -8.11 10.49
C THR A 494 28.57 -7.12 9.54
N ALA A 495 27.96 -6.05 10.05
CA ALA A 495 27.22 -5.12 9.18
C ALA A 495 28.17 -4.38 8.28
N TYR A 496 29.23 -3.82 8.84
CA TYR A 496 30.22 -3.14 8.00
C TYR A 496 30.74 -4.11 6.94
N MSE A 497 31.26 -5.26 7.36
CA MSE A 497 31.90 -6.15 6.40
C MSE A 497 30.99 -6.48 5.20
O MSE A 497 31.38 -6.27 4.03
CB MSE A 497 32.49 -7.40 7.11
CG MSE A 497 33.72 -6.99 7.99
SE MSE A 497 34.29 -8.14 9.23
CE MSE A 497 35.03 -9.31 8.11
N LEU A 498 29.76 -6.87 5.49
CA LEU A 498 28.76 -7.14 4.43
C LEU A 498 28.48 -5.89 3.58
N ALA A 499 28.34 -4.75 4.22
CA ALA A 499 28.18 -3.52 3.45
C ALA A 499 29.30 -3.41 2.41
N GLU A 500 30.54 -3.38 2.85
CA GLU A 500 31.63 -3.22 1.92
C GLU A 500 31.75 -4.38 0.91
N MSE A 501 31.43 -5.63 1.30
CA MSE A 501 31.45 -6.75 0.35
C MSE A 501 30.47 -6.48 -0.80
O MSE A 501 30.81 -6.58 -1.97
CB MSE A 501 31.13 -8.11 1.01
CG MSE A 501 32.24 -8.67 1.90
SE MSE A 501 31.81 -10.13 2.83
CE MSE A 501 32.04 -11.28 1.51
N LEU A 502 29.27 -6.06 -0.43
CA LEU A 502 28.21 -5.85 -1.39
C LEU A 502 28.30 -4.55 -2.19
N LYS A 503 29.28 -3.68 -1.94
CA LYS A 503 29.57 -2.56 -2.85
C LYS A 503 30.18 -3.14 -4.12
N GLY A 504 30.83 -4.31 -3.97
CA GLY A 504 31.52 -4.99 -5.06
C GLY A 504 30.60 -5.42 -6.17
N THR A 505 29.33 -5.65 -5.84
CA THR A 505 28.33 -6.04 -6.82
C THR A 505 28.20 -5.00 -7.92
N PHE A 506 28.72 -3.78 -7.70
CA PHE A 506 28.70 -2.70 -8.71
C PHE A 506 30.04 -2.45 -9.39
N LYS A 507 31.10 -3.08 -8.88
CA LYS A 507 32.43 -2.98 -9.49
C LYS A 507 32.55 -4.00 -10.63
N PRO A 508 33.54 -3.80 -11.51
CA PRO A 508 33.63 -4.70 -12.66
C PRO A 508 33.49 -6.17 -12.29
N TYR A 509 32.65 -6.88 -13.04
CA TYR A 509 32.38 -8.31 -12.89
C TYR A 509 31.39 -8.62 -11.78
N GLY A 510 31.05 -7.60 -10.98
CA GLY A 510 29.86 -7.66 -10.13
C GLY A 510 28.60 -7.97 -10.90
N SER A 511 27.61 -8.55 -10.22
CA SER A 511 26.34 -8.88 -10.87
C SER A 511 25.45 -7.67 -11.26
N ALA A 512 25.71 -6.48 -10.73
CA ALA A 512 25.05 -5.25 -11.19
C ALA A 512 26.05 -4.24 -11.78
N TYR A 513 27.17 -4.73 -12.27
CA TYR A 513 28.14 -3.85 -12.88
C TYR A 513 27.44 -3.01 -13.93
N GLY A 514 27.62 -1.69 -13.84
CA GLY A 514 27.02 -0.76 -14.79
C GLY A 514 25.72 -0.08 -14.35
N HIS A 515 25.12 -0.50 -13.24
CA HIS A 515 23.92 0.20 -12.75
C HIS A 515 24.09 0.92 -11.43
N GLY A 516 25.30 1.38 -11.16
CA GLY A 516 25.53 2.16 -9.97
C GLY A 516 25.33 3.63 -10.23
N VAL A 517 25.25 4.40 -9.15
CA VAL A 517 25.28 5.83 -9.22
C VAL A 517 26.67 6.28 -8.77
N SER A 518 27.28 7.13 -9.57
CA SER A 518 28.66 7.52 -9.38
C SER A 518 28.89 8.33 -8.08
N GLY A 519 27.92 9.12 -7.66
CA GLY A 519 28.10 9.81 -6.35
C GLY A 519 28.15 8.94 -5.08
N VAL A 520 27.36 7.86 -5.09
CA VAL A 520 26.67 7.36 -3.92
C VAL A 520 27.23 6.04 -3.45
N ASN A 521 27.32 5.91 -2.13
CA ASN A 521 27.82 4.71 -1.50
C ASN A 521 26.69 3.71 -1.30
N MSE A 522 26.43 2.90 -2.33
CA MSE A 522 25.44 1.84 -2.26
C MSE A 522 26.15 0.51 -2.44
O MSE A 522 27.23 0.45 -3.03
CB MSE A 522 24.33 1.99 -3.33
CG MSE A 522 24.82 2.49 -4.68
SE MSE A 522 23.69 2.40 -6.06
CE MSE A 522 22.73 3.86 -5.84
N GLY A 523 25.54 -0.51 -1.89
CA GLY A 523 25.85 -1.91 -2.23
C GLY A 523 24.53 -2.59 -2.55
N ALA A 524 24.61 -3.84 -3.01
CA ALA A 524 23.44 -4.49 -3.59
C ALA A 524 23.63 -6.00 -3.74
N LYS A 525 22.56 -6.75 -3.51
CA LYS A 525 22.52 -8.19 -3.82
C LYS A 525 21.43 -8.47 -4.83
N THR A 526 21.79 -9.09 -5.94
CA THR A 526 20.82 -9.49 -6.96
C THR A 526 20.36 -10.95 -6.77
N GLY A 527 19.17 -11.25 -7.30
CA GLY A 527 18.72 -12.64 -7.37
C GLY A 527 18.30 -13.05 -8.77
N THR A 528 18.40 -14.33 -9.05
CA THR A 528 17.78 -14.88 -10.24
C THR A 528 17.20 -16.25 -9.87
N GLY A 529 15.87 -16.36 -9.88
CA GLY A 529 15.22 -17.61 -9.53
C GLY A 529 14.80 -18.39 -10.75
N THR A 530 14.62 -19.69 -10.57
CA THR A 530 14.60 -20.58 -11.70
C THR A 530 13.31 -21.41 -11.77
N TYR A 531 13.22 -22.35 -12.69
CA TYR A 531 12.06 -23.22 -12.78
C TYR A 531 12.50 -24.62 -12.37
N GLY A 532 11.56 -25.50 -12.05
CA GLY A 532 11.89 -26.90 -11.83
C GLY A 532 12.14 -27.60 -13.16
N ALA A 533 12.82 -28.74 -13.13
CA ALA A 533 13.13 -29.49 -14.35
C ALA A 533 11.92 -29.76 -15.25
N GLU A 534 10.84 -30.30 -14.67
CA GLU A 534 9.60 -30.64 -15.41
C GLU A 534 9.08 -29.48 -16.24
N THR A 535 9.21 -28.27 -15.68
CA THR A 535 8.70 -27.06 -16.32
C THR A 535 9.42 -26.67 -17.62
N TYR A 536 10.74 -26.77 -17.62
CA TYR A 536 11.50 -26.51 -18.84
C TYR A 536 10.99 -27.33 -20.03
N SER A 537 10.76 -28.62 -19.83
CA SER A 537 10.32 -29.47 -20.93
C SER A 537 8.83 -29.31 -21.21
N GLN A 538 8.02 -29.16 -20.18
CA GLN A 538 6.59 -29.02 -20.38
C GLN A 538 6.26 -27.79 -21.25
N TYR A 539 7.08 -26.75 -21.10
CA TYR A 539 6.84 -25.46 -21.76
C TYR A 539 7.97 -25.10 -22.76
N ASN A 540 8.89 -26.01 -22.99
CA ASN A 540 9.96 -25.81 -23.95
C ASN A 540 10.68 -24.51 -23.72
N LEU A 541 11.05 -24.25 -22.47
CA LEU A 541 11.84 -23.06 -22.15
C LEU A 541 13.29 -23.31 -22.54
N PRO A 542 13.98 -22.28 -23.07
CA PRO A 542 15.44 -22.39 -23.22
C PRO A 542 16.21 -22.53 -21.89
N ASP A 543 17.47 -22.96 -22.03
CA ASP A 543 18.28 -23.39 -20.86
C ASP A 543 18.55 -22.23 -19.88
N ASN A 544 18.59 -20.99 -20.43
CA ASN A 544 18.87 -19.73 -19.69
C ASN A 544 17.59 -18.92 -19.37
N ALA A 545 16.48 -19.60 -19.09
CA ALA A 545 15.19 -18.95 -18.85
C ALA A 545 14.93 -18.88 -17.37
N ALA A 546 14.82 -17.68 -16.83
CA ALA A 546 14.59 -17.51 -15.41
C ALA A 546 13.17 -17.03 -15.15
N LYS A 547 12.74 -17.08 -13.91
CA LYS A 547 11.34 -16.87 -13.50
C LYS A 547 11.13 -15.65 -12.58
N ASP A 548 12.10 -15.35 -11.74
CA ASP A 548 12.01 -14.28 -10.76
C ASP A 548 13.34 -13.58 -10.74
N VAL A 549 13.34 -12.25 -10.71
CA VAL A 549 14.60 -11.54 -10.73
C VAL A 549 14.50 -10.36 -9.80
N TRP A 550 15.54 -10.20 -8.96
CA TRP A 550 15.58 -9.15 -7.97
C TRP A 550 16.89 -8.38 -8.05
N ILE A 551 16.82 -7.14 -7.60
CA ILE A 551 17.98 -6.44 -7.06
C ILE A 551 17.56 -5.93 -5.69
N ASN A 552 18.37 -6.23 -4.68
CA ASN A 552 18.27 -5.58 -3.36
C ASN A 552 19.44 -4.64 -3.13
N GLY A 553 19.14 -3.34 -3.06
CA GLY A 553 20.18 -2.31 -2.86
C GLY A 553 19.92 -1.42 -1.65
N PHE A 554 20.95 -0.66 -1.24
CA PHE A 554 20.89 0.13 0.02
C PHE A 554 22.04 1.09 0.12
N THR A 555 21.73 2.33 0.47
CA THR A 555 22.71 3.35 0.89
C THR A 555 22.42 3.56 2.35
N PRO A 556 23.23 4.36 3.04
CA PRO A 556 22.88 4.63 4.45
C PRO A 556 21.61 5.43 4.66
N GLN A 557 21.00 5.91 3.57
CA GLN A 557 19.79 6.72 3.67
C GLN A 557 18.54 5.96 3.25
N TYR A 558 18.61 5.24 2.13
CA TYR A 558 17.48 4.44 1.63
C TYR A 558 17.84 2.95 1.48
N THR A 559 16.85 2.07 1.60
CA THR A 559 16.99 0.69 1.14
C THR A 559 15.89 0.40 0.13
N MSE A 560 16.23 -0.24 -0.99
CA MSE A 560 15.22 -0.38 -2.04
C MSE A 560 15.33 -1.78 -2.58
O MSE A 560 16.39 -2.17 -3.06
CB MSE A 560 15.44 0.66 -3.17
CG MSE A 560 14.41 0.56 -4.32
SE MSE A 560 14.62 1.69 -5.70
CE MSE A 560 13.17 1.26 -6.63
N SER A 561 14.23 -2.52 -2.49
CA SER A 561 14.16 -3.91 -2.99
C SER A 561 13.20 -4.07 -4.16
N VAL A 562 13.67 -4.62 -5.27
CA VAL A 562 12.81 -4.75 -6.43
C VAL A 562 12.66 -6.20 -6.90
N TRP A 563 11.44 -6.59 -7.25
CA TRP A 563 11.13 -7.90 -7.81
C TRP A 563 10.36 -7.76 -9.08
N MSE A 564 10.67 -8.59 -10.08
CA MSE A 564 9.87 -8.71 -11.28
C MSE A 564 9.71 -10.17 -11.59
O MSE A 564 10.68 -10.93 -11.44
CB MSE A 564 10.53 -8.04 -12.50
CG MSE A 564 10.78 -6.53 -12.39
SE MSE A 564 11.50 -5.75 -13.83
CE MSE A 564 11.34 -4.11 -13.20
N GLY A 565 8.50 -10.56 -12.00
CA GLY A 565 8.22 -11.89 -12.53
C GLY A 565 7.06 -11.81 -13.52
N PHE A 566 6.46 -12.94 -13.90
CA PHE A 566 5.36 -12.90 -14.86
C PHE A 566 4.10 -13.57 -14.34
N SER A 567 2.95 -12.95 -14.55
CA SER A 567 1.66 -13.49 -14.14
C SER A 567 1.46 -14.98 -14.46
N LYS A 568 2.04 -15.51 -15.53
CA LYS A 568 2.08 -16.98 -15.73
C LYS A 568 3.13 -17.42 -16.76
N VAL A 569 3.50 -18.69 -16.74
CA VAL A 569 4.46 -19.21 -17.71
C VAL A 569 3.82 -19.40 -19.09
N LYS A 570 4.59 -19.12 -20.13
CA LYS A 570 4.15 -19.40 -21.48
C LYS A 570 5.19 -20.21 -22.24
N GLN A 571 4.68 -20.91 -23.24
CA GLN A 571 5.49 -21.70 -24.11
C GLN A 571 6.68 -20.92 -24.68
N TYR A 572 7.76 -21.65 -24.94
CA TYR A 572 8.92 -21.17 -25.70
C TYR A 572 9.69 -19.98 -25.09
N GLY A 573 9.20 -19.40 -24.01
CA GLY A 573 9.93 -18.38 -23.26
C GLY A 573 9.25 -17.02 -23.23
N GLU A 574 8.01 -16.92 -23.77
CA GLU A 574 7.35 -15.59 -23.82
C GLU A 574 7.47 -14.89 -22.50
N ASN A 575 7.04 -15.59 -21.45
CA ASN A 575 6.91 -15.01 -20.12
C ASN A 575 8.00 -15.54 -19.23
N SER A 576 9.24 -15.37 -19.67
CA SER A 576 10.42 -15.62 -18.87
C SER A 576 11.48 -14.56 -19.16
N PHE A 577 12.44 -14.46 -18.26
CA PHE A 577 13.58 -13.60 -18.44
C PHE A 577 14.66 -14.44 -19.10
N VAL A 578 14.64 -14.50 -20.42
CA VAL A 578 15.60 -15.29 -21.18
C VAL A 578 16.88 -14.49 -21.44
N GLY A 579 18.02 -14.98 -20.97
CA GLY A 579 19.28 -14.31 -21.22
C GLY A 579 19.67 -13.32 -20.13
N HIS A 580 20.90 -12.83 -20.19
CA HIS A 580 21.48 -11.98 -19.16
C HIS A 580 20.77 -10.62 -19.09
N SER A 581 20.45 -10.07 -20.25
CA SER A 581 19.94 -8.71 -20.31
C SER A 581 18.45 -8.61 -20.00
N GLN A 582 17.72 -9.71 -20.14
CA GLN A 582 16.31 -9.71 -19.73
C GLN A 582 16.28 -9.86 -18.22
N GLN A 583 17.28 -10.56 -17.70
CA GLN A 583 17.39 -10.76 -16.27
C GLN A 583 17.87 -9.49 -15.55
N GLU A 584 18.41 -8.53 -16.30
CA GLU A 584 18.84 -7.24 -15.76
C GLU A 584 17.68 -6.25 -15.53
N TYR A 585 16.47 -6.52 -16.01
CA TYR A 585 15.43 -5.49 -16.01
C TYR A 585 15.28 -4.77 -14.66
N PRO A 586 15.12 -5.52 -13.56
CA PRO A 586 14.99 -4.88 -12.24
C PRO A 586 16.06 -3.84 -11.96
N GLN A 587 17.29 -4.13 -12.39
CA GLN A 587 18.40 -3.21 -12.21
C GLN A 587 18.16 -1.83 -12.84
N PHE A 588 17.38 -1.74 -13.92
CA PHE A 588 17.15 -0.45 -14.57
C PHE A 588 16.20 0.44 -13.78
N LEU A 589 15.23 -0.19 -13.11
CA LEU A 589 14.28 0.55 -12.30
C LEU A 589 15.01 1.10 -11.10
N TYR A 590 15.74 0.23 -10.40
CA TYR A 590 16.60 0.62 -9.28
C TYR A 590 17.50 1.86 -9.55
N GLU A 591 18.23 1.82 -10.65
CA GLU A 591 19.18 2.87 -10.99
C GLU A 591 18.45 4.16 -11.37
N ASN A 592 17.37 4.05 -12.16
CA ASN A 592 16.57 5.24 -12.49
C ASN A 592 16.09 5.92 -11.24
N VAL A 593 15.60 5.14 -10.29
CA VAL A 593 14.99 5.70 -9.08
C VAL A 593 15.99 6.24 -8.09
N MSE A 594 17.06 5.49 -7.81
CA MSE A 594 18.07 5.96 -6.85
C MSE A 594 18.82 7.18 -7.41
O MSE A 594 19.04 8.17 -6.68
CB MSE A 594 18.99 4.82 -6.38
CG MSE A 594 18.26 3.65 -5.59
SE MSE A 594 17.69 3.87 -3.86
CE MSE A 594 19.00 4.80 -3.11
N SER A 595 19.16 7.16 -8.69
CA SER A 595 19.71 8.35 -9.36
C SER A 595 18.99 9.62 -9.00
N LYS A 596 17.70 9.53 -8.71
CA LYS A 596 16.84 10.70 -8.65
C LYS A 596 16.52 11.10 -7.19
N ILE A 597 16.40 10.11 -6.31
CA ILE A 597 16.06 10.35 -4.91
C ILE A 597 17.25 10.42 -3.92
N SER A 598 18.39 9.80 -4.26
CA SER A 598 19.53 9.73 -3.34
C SER A 598 20.12 11.08 -3.02
N SER A 599 20.50 11.23 -1.77
CA SER A 599 21.30 12.35 -1.33
C SER A 599 22.64 12.29 -2.02
N ARG A 600 23.23 13.44 -2.27
CA ARG A 600 24.56 13.54 -2.89
C ARG A 600 25.70 13.90 -1.97
N ASP A 601 25.45 14.11 -0.67
CA ASP A 601 26.53 14.43 0.31
C ASP A 601 27.77 13.52 0.26
N GLY A 602 27.59 12.28 -0.22
CA GLY A 602 28.63 11.25 -0.13
C GLY A 602 28.72 10.64 1.26
N GLU A 603 27.58 10.53 1.95
CA GLU A 603 27.54 9.83 3.23
C GLU A 603 27.95 8.37 2.98
N ASP A 604 28.80 7.85 3.87
CA ASP A 604 29.29 6.49 3.76
C ASP A 604 28.79 5.66 4.95
N PHE A 605 29.00 4.36 4.88
CA PHE A 605 28.60 3.48 5.94
C PHE A 605 29.50 3.72 7.13
N LYS A 606 28.97 3.46 8.31
CA LYS A 606 29.59 3.90 9.54
C LYS A 606 30.60 2.82 9.93
N ARG A 607 31.89 3.17 9.92
CA ARG A 607 32.95 2.21 10.25
C ARG A 607 33.17 2.04 11.76
N PRO A 608 33.02 0.82 12.27
CA PRO A 608 33.26 0.52 13.68
C PRO A 608 34.71 0.15 14.04
N SER A 609 35.09 0.31 15.28
CA SER A 609 36.47 -0.02 15.68
C SER A 609 36.74 -1.52 15.93
N SER A 610 35.74 -2.37 15.73
CA SER A 610 35.92 -3.83 15.82
C SER A 610 36.53 -4.48 14.55
N VAL A 611 36.55 -3.76 13.42
CA VAL A 611 37.18 -4.25 12.18
C VAL A 611 38.53 -3.55 11.92
N SER A 612 39.34 -4.15 11.05
CA SER A 612 40.62 -3.55 10.57
C SER A 612 40.94 -3.98 9.12
N GLY A 613 41.78 -3.20 8.44
CA GLY A 613 42.04 -3.36 7.00
C GLY A 613 40.95 -2.71 6.14
N SER A 614 41.03 -2.87 4.82
CA SER A 614 39.95 -2.45 3.89
C SER A 614 39.84 -3.33 2.65
N ILE A 615 38.70 -3.23 1.95
CA ILE A 615 38.37 -4.17 0.85
C ILE A 615 39.55 -4.32 -0.12
N PRO A 616 39.77 -5.54 -0.63
CA PRO A 616 39.10 -6.82 -0.35
C PRO A 616 39.54 -7.58 0.93
N SER A 617 40.22 -6.92 1.88
CA SER A 617 40.91 -7.63 2.98
C SER A 617 40.56 -7.15 4.39
N ILE A 618 39.27 -7.07 4.69
CA ILE A 618 38.82 -6.66 6.02
C ILE A 618 38.69 -7.87 6.94
N ASN A 619 39.35 -7.81 8.10
CA ASN A 619 39.21 -8.87 9.09
C ASN A 619 38.70 -8.32 10.42
N VAL A 620 38.31 -9.21 11.32
CA VAL A 620 37.76 -8.80 12.61
C VAL A 620 38.91 -8.64 13.61
N SER A 621 38.93 -7.53 14.34
CA SER A 621 40.10 -7.17 15.14
C SER A 621 40.40 -8.23 16.19
N GLY A 622 41.68 -8.61 16.28
CA GLY A 622 42.11 -9.73 17.10
C GLY A 622 41.61 -11.11 16.67
N SER A 623 41.11 -11.27 15.42
CA SER A 623 40.71 -12.59 14.92
C SER A 623 41.22 -12.87 13.50
N GLN A 624 42.54 -12.82 13.36
CA GLN A 624 43.21 -13.08 12.10
C GLN A 624 42.66 -14.35 11.51
N ASP A 625 42.10 -14.28 10.30
CA ASP A 625 41.64 -15.49 9.59
C ASP A 625 42.85 -16.20 9.01
N ASN A 626 42.93 -17.51 9.20
CA ASN A 626 44.09 -18.28 8.74
C ASN A 626 43.93 -18.97 7.39
N ASN A 627 42.75 -18.82 6.78
CA ASN A 627 42.42 -19.51 5.53
C ASN A 627 41.93 -18.49 4.50
N THR A 628 42.88 -17.78 3.88
CA THR A 628 42.58 -16.65 2.97
C THR A 628 43.23 -16.77 1.60
N THR A 629 42.73 -16.00 0.65
CA THR A 629 43.36 -15.90 -0.67
C THR A 629 43.47 -14.46 -1.18
N ASN A 630 44.45 -14.29 -2.07
CA ASN A 630 44.82 -12.99 -2.63
C ASN A 630 44.18 -12.70 -3.99
N ARG A 631 43.70 -13.76 -4.63
CA ARG A 631 43.36 -13.73 -6.04
C ARG A 631 42.08 -12.94 -6.35
N SER A 632 42.06 -12.30 -7.51
CA SER A 632 40.81 -11.78 -8.07
C SER A 632 40.42 -12.67 -9.21
N THR A 633 39.11 -12.90 -9.31
CA THR A 633 38.55 -13.88 -10.26
C THR A 633 38.71 -13.44 -11.72
N HIS A 634 38.46 -12.16 -11.99
CA HIS A 634 38.88 -11.59 -13.28
C HIS A 634 39.83 -10.41 -12.96
C1 EDO B . -41.70 10.01 -15.82
O1 EDO B . -41.78 8.99 -16.84
C2 EDO B . -41.60 11.47 -16.32
O2 EDO B . -41.33 11.74 -17.71
#